data_3O6I
#
_entry.id   3O6I
#
_cell.length_a   64.240
_cell.length_b   87.800
_cell.length_c   47.380
_cell.angle_alpha   90.00
_cell.angle_beta   90.00
_cell.angle_gamma   90.00
#
_symmetry.space_group_name_H-M   'P 21 21 2'
#
loop_
_entity.id
_entity.type
_entity.pdbx_description
1 polymer 'Glutamate receptor 2'
2 non-polymer 'GLUTAMIC ACID'
3 non-polymer 2-[({3-tert-butyl-4-[(methylamino)methyl]-1H-pyrazol-1-yl}acetyl)amino]-4,5,6,7-tetrahydro-1-benzothiophene-3-carboxamide
4 non-polymer 'SULFATE ION'
5 water water
#
_entity_poly.entity_id   1
_entity_poly.type   'polypeptide(L)'
_entity_poly.pdbx_seq_one_letter_code
;GANKTVVVTTILESPYVMMKKNHEMLEGNERYEGYCVDLAAEIAKHCGFKYKLTIVGDGKYGARDADTKIWNGMVGELVY
GKADIAIAPLTITLVREEVIDFSKPFMSLGISIMIKKGTPIESAEDLSKQTEIAYGTLDSGSTKEFFRRSKIAVFDKMWT
YMRSAEPSVFVRTTAEGVARVRKSKGKYAYLLESTMNEYIEQRKPCDTMKVGGNLDSKGYGIATPKGSSLGTPVNLAVLK
LSEQGVLDKLKNKWWYDKGECGA
;
_entity_poly.pdbx_strand_id   A
#
loop_
_chem_comp.id
_chem_comp.type
_chem_comp.name
_chem_comp.formula
O26 non-polymer 2-[({3-tert-butyl-4-[(methylamino)methyl]-1H-pyrazol-1-yl}acetyl)amino]-4,5,6,7-tetrahydro-1-benzothiophene-3-carboxamide 'C20 H29 N5 O2 S'
SO4 non-polymer 'SULFATE ION' 'O4 S -2'
#
# COMPACT_ATOMS: atom_id res chain seq x y z
N GLY A 1 25.42 13.40 15.10
CA GLY A 1 25.79 12.75 16.38
C GLY A 1 26.05 11.25 16.29
N ALA A 2 26.28 10.65 17.45
CA ALA A 2 26.32 9.21 17.60
C ALA A 2 24.98 8.56 17.18
N ASN A 3 25.04 7.36 16.61
CA ASN A 3 23.83 6.61 16.21
C ASN A 3 22.79 6.44 17.34
N LYS A 4 21.53 6.62 16.96
CA LYS A 4 20.38 6.53 17.85
C LYS A 4 19.36 5.52 17.25
N THR A 5 18.50 4.95 18.10
CA THR A 5 17.44 4.04 17.65
C THR A 5 16.48 4.75 16.66
N VAL A 6 16.30 4.15 15.49
CA VAL A 6 15.52 4.75 14.41
C VAL A 6 14.01 4.43 14.59
N VAL A 7 13.16 5.44 14.49
CA VAL A 7 11.71 5.26 14.60
C VAL A 7 11.19 5.01 13.19
N VAL A 8 10.66 3.82 12.98
CA VAL A 8 10.10 3.43 11.71
C VAL A 8 8.57 3.57 11.75
N THR A 9 7.99 4.34 10.83
CA THR A 9 6.55 4.40 10.65
C THR A 9 6.19 3.35 9.59
N THR A 10 5.09 2.65 9.86
CA THR A 10 4.54 1.70 8.90
C THR A 10 3.01 1.63 9.09
N ILE A 11 2.38 0.72 8.38
CA ILE A 11 0.91 0.68 8.28
C ILE A 11 0.48 -0.79 8.22
N LEU A 12 -0.62 -1.10 8.92
CA LEU A 12 -1.18 -2.45 8.89
C LEU A 12 -1.85 -2.65 7.53
N GLU A 13 -1.19 -3.46 6.70
CA GLU A 13 -1.61 -3.77 5.35
C GLU A 13 -1.03 -5.12 4.99
N SER A 14 -1.91 -6.11 4.80
CA SER A 14 -1.49 -7.45 4.42
C SER A 14 -0.91 -7.51 3.00
N PRO A 15 0.16 -8.29 2.80
CA PRO A 15 1.00 -9.04 3.71
C PRO A 15 2.26 -8.29 4.17
N TYR A 16 2.24 -6.95 4.10
CA TYR A 16 3.42 -6.13 4.39
C TYR A 16 3.67 -6.04 5.90
N VAL A 17 2.62 -5.69 6.64
CA VAL A 17 2.69 -5.65 8.07
C VAL A 17 1.34 -6.10 8.62
N MET A 18 1.43 -7.08 9.50
CA MET A 18 0.26 -7.72 10.09
C MET A 18 0.53 -7.93 11.57
N MET A 19 -0.51 -7.80 12.40
N MET A 19 -0.50 -7.80 12.41
CA MET A 19 -0.40 -8.20 13.81
CA MET A 19 -0.35 -8.16 13.82
C MET A 19 -0.32 -9.71 13.89
C MET A 19 -0.34 -9.67 13.94
N LYS A 20 0.69 -10.22 14.59
CA LYS A 20 0.75 -11.65 14.93
C LYS A 20 -0.47 -11.98 15.78
N LYS A 21 -0.96 -13.21 15.66
N LYS A 21 -0.94 -13.21 15.68
CA LYS A 21 -2.21 -13.61 16.33
CA LYS A 21 -2.19 -13.59 16.33
C LYS A 21 -2.09 -13.44 17.84
C LYS A 21 -2.09 -13.45 17.84
N ASN A 22 -0.94 -13.87 18.37
CA ASN A 22 -0.66 -13.78 19.79
C ASN A 22 0.07 -12.47 20.18
N HIS A 23 -0.20 -11.38 19.48
CA HIS A 23 0.54 -10.11 19.73
C HIS A 23 0.47 -9.55 21.16
N GLU A 24 -0.63 -9.87 21.86
N GLU A 24 -0.57 -9.90 21.91
N GLU A 24 -0.55 -9.93 21.94
CA GLU A 24 -0.87 -9.42 23.25
CA GLU A 24 -0.72 -9.34 23.26
CA GLU A 24 -0.66 -9.44 23.32
C GLU A 24 0.23 -9.98 24.13
C GLU A 24 0.24 -10.06 24.22
C GLU A 24 0.11 -10.31 24.30
N MET A 25 0.68 -11.17 23.74
N MET A 25 0.71 -11.24 23.80
CA MET A 25 1.74 -11.92 24.42
CA MET A 25 1.81 -11.93 24.47
C MET A 25 3.12 -11.30 24.19
C MET A 25 3.15 -11.22 24.24
N LEU A 26 3.24 -10.46 23.17
CA LEU A 26 4.51 -10.05 22.64
C LEU A 26 4.77 -8.59 22.83
N GLU A 27 6.03 -8.22 22.66
CA GLU A 27 6.46 -6.85 22.88
C GLU A 27 7.31 -6.37 21.71
N GLY A 28 7.28 -5.06 21.49
CA GLY A 28 8.17 -4.40 20.56
C GLY A 28 7.92 -4.81 19.13
N ASN A 29 9.01 -4.89 18.37
CA ASN A 29 8.96 -5.33 16.99
C ASN A 29 8.44 -6.76 16.80
N GLU A 30 8.49 -7.58 17.84
CA GLU A 30 8.03 -8.96 17.75
C GLU A 30 6.52 -9.10 17.60
N ARG A 31 5.75 -8.03 17.88
CA ARG A 31 4.29 -8.01 17.70
C ARG A 31 3.84 -8.22 16.25
N TYR A 32 4.74 -7.95 15.28
CA TYR A 32 4.37 -7.74 13.89
C TYR A 32 5.07 -8.73 12.98
N GLU A 33 4.44 -9.05 11.87
CA GLU A 33 5.08 -9.89 10.84
C GLU A 33 4.70 -9.41 9.45
N GLY A 34 5.50 -9.80 8.48
CA GLY A 34 5.18 -9.54 7.09
C GLY A 34 6.35 -9.10 6.26
N TYR A 35 6.10 -8.84 4.98
CA TYR A 35 7.15 -8.44 4.02
C TYR A 35 7.98 -7.25 4.50
N CYS A 36 7.31 -6.21 4.97
CA CYS A 36 7.98 -4.96 5.34
C CYS A 36 8.63 -5.06 6.72
N VAL A 37 8.14 -5.99 7.56
CA VAL A 37 8.75 -6.34 8.84
C VAL A 37 10.10 -7.00 8.56
N ASP A 38 10.11 -7.95 7.62
CA ASP A 38 11.34 -8.63 7.18
C ASP A 38 12.28 -7.68 6.45
N LEU A 39 11.73 -6.81 5.62
CA LEU A 39 12.53 -5.81 4.89
C LEU A 39 13.21 -4.82 5.86
N ALA A 40 12.48 -4.39 6.89
CA ALA A 40 12.99 -3.50 7.91
C ALA A 40 14.19 -4.13 8.61
N ALA A 41 14.08 -5.40 8.95
CA ALA A 41 15.19 -6.14 9.57
C ALA A 41 16.43 -6.21 8.67
N GLU A 42 16.24 -6.42 7.35
CA GLU A 42 17.34 -6.49 6.40
C GLU A 42 18.02 -5.15 6.20
N ILE A 43 17.23 -4.12 5.99
CA ILE A 43 17.72 -2.75 5.82
C ILE A 43 18.51 -2.30 7.06
N ALA A 44 17.92 -2.50 8.24
CA ALA A 44 18.56 -2.08 9.51
C ALA A 44 19.92 -2.79 9.65
N LYS A 45 19.96 -4.06 9.27
CA LYS A 45 21.18 -4.85 9.35
C LYS A 45 22.21 -4.28 8.38
N HIS A 46 21.81 -4.09 7.12
CA HIS A 46 22.74 -3.57 6.12
C HIS A 46 23.16 -2.13 6.35
N CYS A 47 22.36 -1.34 7.06
CA CYS A 47 22.74 0.05 7.38
C CYS A 47 23.31 0.19 8.80
N GLY A 48 23.30 -0.90 9.56
CA GLY A 48 23.84 -0.93 10.92
C GLY A 48 23.16 -0.02 11.93
N PHE A 49 21.82 -0.07 11.97
CA PHE A 49 21.06 0.73 12.95
C PHE A 49 20.07 -0.11 13.77
N LYS A 50 19.74 0.39 14.95
CA LYS A 50 18.70 -0.20 15.82
C LYS A 50 17.40 0.53 15.52
N TYR A 51 16.25 -0.16 15.60
CA TYR A 51 14.99 0.47 15.21
C TYR A 51 13.78 -0.02 16.00
N LYS A 52 12.75 0.82 16.03
CA LYS A 52 11.46 0.51 16.64
C LYS A 52 10.33 0.65 15.60
N LEU A 53 9.62 -0.43 15.33
CA LEU A 53 8.43 -0.35 14.47
C LEU A 53 7.25 0.35 15.19
N THR A 54 6.63 1.30 14.50
CA THR A 54 5.45 2.01 14.99
C THR A 54 4.40 2.07 13.88
N ILE A 55 3.15 1.79 14.25
CA ILE A 55 2.05 1.87 13.31
C ILE A 55 1.54 3.29 13.31
N VAL A 56 1.51 3.85 12.10
CA VAL A 56 1.02 5.19 11.86
C VAL A 56 -0.31 5.43 12.62
N GLY A 57 -0.31 6.46 13.44
CA GLY A 57 -1.45 6.75 14.32
C GLY A 57 -2.80 6.90 13.66
N ASP A 58 -2.85 7.53 12.48
CA ASP A 58 -4.12 7.83 11.80
C ASP A 58 -4.51 6.76 10.76
N GLY A 59 -3.70 5.71 10.64
CA GLY A 59 -3.92 4.61 9.68
C GLY A 59 -3.93 4.97 8.19
N LYS A 60 -3.25 6.07 7.83
CA LYS A 60 -3.28 6.59 6.45
C LYS A 60 -1.90 6.56 5.77
N TYR A 61 -1.91 6.45 4.44
CA TYR A 61 -0.63 6.47 3.70
C TYR A 61 -0.03 7.88 3.65
N GLY A 62 -0.82 8.82 3.18
CA GLY A 62 -0.42 10.22 3.18
C GLY A 62 -0.98 11.04 2.04
N ALA A 63 -1.75 12.07 2.41
CA ALA A 63 -2.23 13.07 1.47
C ALA A 63 -2.09 14.44 2.11
N ARG A 64 -2.07 15.49 1.30
CA ARG A 64 -1.97 16.84 1.83
C ARG A 64 -3.35 17.51 1.75
N ASP A 65 -3.77 18.15 2.83
CA ASP A 65 -5.07 18.84 2.85
C ASP A 65 -5.00 20.10 2.00
N ALA A 66 -5.93 20.25 1.07
CA ALA A 66 -5.87 21.34 0.08
C ALA A 66 -5.99 22.74 0.70
N ASP A 67 -6.67 22.81 1.84
CA ASP A 67 -6.85 24.07 2.60
C ASP A 67 -5.64 24.36 3.51
N THR A 68 -5.44 23.50 4.53
CA THR A 68 -4.38 23.68 5.51
C THR A 68 -2.96 23.41 4.99
N LYS A 69 -2.83 22.67 3.87
CA LYS A 69 -1.54 22.14 3.37
C LYS A 69 -0.81 21.25 4.38
N ILE A 70 -1.55 20.66 5.32
CA ILE A 70 -1.00 19.73 6.29
C ILE A 70 -1.01 18.30 5.72
N TRP A 71 0.12 17.60 5.85
CA TRP A 71 0.24 16.19 5.49
C TRP A 71 -0.22 15.28 6.60
N ASN A 72 -1.00 14.29 6.22
CA ASN A 72 -1.41 13.23 7.12
C ASN A 72 -0.70 11.94 6.78
N GLY A 73 -1.02 10.89 7.54
CA GLY A 73 -0.47 9.56 7.33
C GLY A 73 1.01 9.44 7.59
N MET A 74 1.61 8.44 6.95
CA MET A 74 3.02 8.18 7.13
C MET A 74 3.85 9.30 6.54
N VAL A 75 3.42 9.89 5.42
CA VAL A 75 4.16 11.02 4.86
C VAL A 75 4.22 12.14 5.95
N GLY A 76 3.10 12.42 6.59
CA GLY A 76 3.04 13.43 7.62
C GLY A 76 3.94 13.15 8.81
N GLU A 77 4.01 11.90 9.24
CA GLU A 77 4.93 11.50 10.29
C GLU A 77 6.40 11.79 9.95
N LEU A 78 6.80 11.57 8.70
CA LEU A 78 8.13 11.98 8.21
C LEU A 78 8.29 13.51 8.14
N VAL A 79 7.36 14.19 7.49
CA VAL A 79 7.44 15.65 7.31
C VAL A 79 7.59 16.41 8.65
N TYR A 80 6.80 16.00 9.66
CA TYR A 80 6.77 16.71 10.97
C TYR A 80 7.73 16.12 12.01
N GLY A 81 8.55 15.16 11.60
CA GLY A 81 9.60 14.64 12.46
C GLY A 81 9.17 13.66 13.52
N LYS A 82 8.04 12.99 13.31
CA LYS A 82 7.54 11.99 14.25
C LYS A 82 8.14 10.61 14.00
N ALA A 83 8.73 10.41 12.84
CA ALA A 83 9.34 9.15 12.42
C ALA A 83 10.57 9.46 11.59
N ASP A 84 11.56 8.58 11.64
CA ASP A 84 12.86 8.75 10.93
C ASP A 84 12.84 8.12 9.51
N ILE A 85 11.99 7.10 9.32
CA ILE A 85 11.89 6.34 8.07
C ILE A 85 10.49 5.66 8.01
N ALA A 86 9.98 5.51 6.79
CA ALA A 86 8.72 4.83 6.50
C ALA A 86 9.09 3.61 5.67
N ILE A 87 8.79 2.43 6.19
CA ILE A 87 9.06 1.17 5.50
C ILE A 87 7.70 0.47 5.39
N ALA A 88 7.09 0.61 4.23
CA ALA A 88 5.69 0.27 3.99
C ALA A 88 5.45 0.27 2.47
N PRO A 89 4.29 -0.26 1.99
CA PRO A 89 3.92 -0.10 0.58
C PRO A 89 3.48 1.34 0.25
N LEU A 90 4.46 2.25 0.27
CA LEU A 90 4.23 3.66 0.08
C LEU A 90 4.65 4.01 -1.33
N THR A 91 3.67 4.42 -2.13
CA THR A 91 3.87 4.65 -3.57
C THR A 91 4.68 5.93 -3.83
N ILE A 92 5.70 5.79 -4.69
CA ILE A 92 6.51 6.91 -5.18
C ILE A 92 5.68 7.80 -6.09
N THR A 93 5.51 9.06 -5.68
CA THR A 93 4.71 10.03 -6.44
C THR A 93 5.41 11.38 -6.47
N LEU A 94 5.10 12.18 -7.48
CA LEU A 94 5.70 13.50 -7.63
C LEU A 94 5.43 14.38 -6.39
N VAL A 95 4.16 14.42 -5.99
CA VAL A 95 3.75 15.31 -4.88
C VAL A 95 4.54 14.92 -3.61
N ARG A 96 4.72 13.64 -3.35
CA ARG A 96 5.45 13.17 -2.17
C ARG A 96 6.99 13.35 -2.29
N GLU A 97 7.55 13.02 -3.46
CA GLU A 97 9.02 13.10 -3.70
C GLU A 97 9.55 14.51 -3.46
N GLU A 98 8.67 15.49 -3.57
CA GLU A 98 9.01 16.86 -3.35
C GLU A 98 9.18 17.21 -1.86
N VAL A 99 8.60 16.41 -0.98
CA VAL A 99 8.65 16.71 0.47
C VAL A 99 9.38 15.68 1.29
N ILE A 100 9.51 14.45 0.76
CA ILE A 100 10.30 13.39 1.36
C ILE A 100 11.23 12.74 0.32
N ASP A 101 12.29 12.10 0.77
CA ASP A 101 13.16 11.29 -0.10
C ASP A 101 12.62 9.85 -0.18
N PHE A 102 12.63 9.29 -1.39
CA PHE A 102 12.38 7.88 -1.63
C PHE A 102 13.63 7.15 -2.13
N SER A 103 13.87 5.98 -1.58
CA SER A 103 14.79 5.05 -2.20
C SER A 103 14.31 4.63 -3.60
N LYS A 104 15.21 4.00 -4.36
CA LYS A 104 14.80 3.26 -5.54
C LYS A 104 13.76 2.24 -5.08
N PRO A 105 12.82 1.89 -5.98
CA PRO A 105 11.69 1.02 -5.64
C PRO A 105 12.09 -0.38 -5.19
N PHE A 106 11.48 -0.87 -4.12
CA PHE A 106 11.74 -2.21 -3.66
C PHE A 106 10.68 -3.19 -4.20
N MET A 107 9.60 -2.64 -4.76
CA MET A 107 8.61 -3.49 -5.40
C MET A 107 7.83 -2.66 -6.39
N SER A 108 7.44 -3.30 -7.48
N SER A 108 7.45 -3.33 -7.47
CA SER A 108 6.67 -2.62 -8.50
CA SER A 108 6.66 -2.73 -8.54
C SER A 108 5.21 -3.03 -8.38
C SER A 108 5.19 -3.01 -8.31
N LEU A 109 4.35 -2.12 -8.82
CA LEU A 109 2.91 -2.31 -8.83
C LEU A 109 2.26 -1.35 -9.86
N GLY A 110 0.99 -1.60 -10.14
CA GLY A 110 0.15 -0.70 -10.93
C GLY A 110 -1.25 -0.78 -10.36
N ILE A 111 -2.07 0.22 -10.63
CA ILE A 111 -3.42 0.23 -10.16
C ILE A 111 -4.16 -0.83 -10.96
N SER A 112 -5.05 -1.55 -10.29
CA SER A 112 -5.69 -2.74 -10.84
C SER A 112 -7.15 -2.82 -10.33
N ILE A 113 -7.95 -3.70 -10.92
CA ILE A 113 -9.38 -3.84 -10.55
C ILE A 113 -9.62 -5.19 -9.87
N MET A 114 -10.29 -5.15 -8.72
CA MET A 114 -10.74 -6.32 -8.00
C MET A 114 -12.24 -6.43 -8.13
N ILE A 115 -12.68 -7.62 -8.49
CA ILE A 115 -14.10 -7.95 -8.61
C ILE A 115 -14.41 -9.21 -7.81
N LYS A 116 -15.65 -9.34 -7.40
CA LYS A 116 -16.15 -10.62 -6.94
C LYS A 116 -16.21 -11.57 -8.16
N LYS A 117 -15.76 -12.79 -7.99
CA LYS A 117 -15.79 -13.78 -9.07
C LYS A 117 -17.16 -13.80 -9.77
N GLY A 118 -17.13 -13.73 -11.11
CA GLY A 118 -18.32 -13.77 -11.94
C GLY A 118 -18.87 -12.42 -12.33
N THR A 119 -18.31 -11.35 -11.75
CA THR A 119 -18.71 -9.98 -12.13
C THR A 119 -18.39 -9.72 -13.62
N PRO A 120 -19.39 -9.22 -14.39
CA PRO A 120 -19.22 -9.02 -15.83
C PRO A 120 -18.41 -7.75 -16.18
N ILE A 121 -17.16 -7.70 -15.69
CA ILE A 121 -16.26 -6.55 -15.88
C ILE A 121 -14.89 -7.16 -16.19
N GLU A 122 -14.28 -6.70 -17.27
CA GLU A 122 -12.92 -7.15 -17.67
C GLU A 122 -11.90 -6.00 -17.73
N SER A 123 -12.33 -4.75 -17.56
CA SER A 123 -11.45 -3.59 -17.74
C SER A 123 -12.02 -2.32 -17.12
N ALA A 124 -11.17 -1.29 -17.07
CA ALA A 124 -11.57 0.05 -16.62
C ALA A 124 -12.58 0.71 -17.60
N GLU A 125 -12.35 0.56 -18.90
CA GLU A 125 -13.33 0.97 -19.91
C GLU A 125 -14.74 0.37 -19.65
N ASP A 126 -14.80 -0.94 -19.39
CA ASP A 126 -16.04 -1.61 -19.01
C ASP A 126 -16.71 -0.90 -17.81
N LEU A 127 -15.97 -0.67 -16.72
CA LEU A 127 -16.51 0.01 -15.53
C LEU A 127 -17.13 1.37 -15.87
N SER A 128 -16.39 2.13 -16.68
CA SER A 128 -16.72 3.51 -17.09
C SER A 128 -17.95 3.59 -18.02
N LYS A 129 -18.36 2.48 -18.61
CA LYS A 129 -19.46 2.51 -19.57
C LYS A 129 -20.75 1.92 -19.02
N GLN A 130 -20.80 1.76 -17.71
CA GLN A 130 -21.96 1.14 -17.05
C GLN A 130 -22.15 1.78 -15.69
N THR A 131 -23.32 1.54 -15.10
CA THR A 131 -23.67 2.09 -13.79
C THR A 131 -24.20 1.07 -12.77
N GLU A 132 -24.53 -0.15 -13.19
CA GLU A 132 -25.04 -1.14 -12.24
C GLU A 132 -24.06 -1.47 -11.10
N ILE A 133 -22.77 -1.52 -11.46
CA ILE A 133 -21.70 -1.90 -10.56
C ILE A 133 -20.98 -0.62 -10.13
N ALA A 134 -21.07 -0.34 -8.84
CA ALA A 134 -20.37 0.78 -8.18
C ALA A 134 -18.88 0.45 -8.15
N TYR A 135 -18.05 1.47 -8.04
CA TYR A 135 -16.63 1.22 -7.87
C TYR A 135 -15.94 2.39 -7.24
N GLY A 136 -14.88 2.09 -6.48
CA GLY A 136 -14.15 3.13 -5.76
C GLY A 136 -12.74 2.73 -5.34
N THR A 137 -12.17 3.57 -4.49
CA THR A 137 -10.77 3.49 -4.12
C THR A 137 -10.60 3.75 -2.63
N LEU A 138 -9.37 3.59 -2.16
CA LEU A 138 -9.00 3.94 -0.80
C LEU A 138 -8.89 5.47 -0.67
N ASP A 139 -9.31 6.00 0.48
CA ASP A 139 -9.00 7.40 0.83
C ASP A 139 -7.54 7.65 1.21
N SER A 140 -7.06 8.85 0.94
CA SER A 140 -5.77 9.37 1.47
C SER A 140 -4.57 8.63 0.85
N GLY A 141 -4.76 8.14 -0.38
CA GLY A 141 -3.68 7.44 -1.09
C GLY A 141 -3.44 7.82 -2.54
N SER A 142 -2.49 7.12 -3.15
CA SER A 142 -2.06 7.47 -4.47
C SER A 142 -3.06 7.04 -5.56
N THR A 143 -3.87 6.00 -5.31
CA THR A 143 -4.91 5.60 -6.27
C THR A 143 -5.98 6.67 -6.46
N LYS A 144 -6.50 7.19 -5.37
CA LYS A 144 -7.50 8.27 -5.43
C LYS A 144 -6.93 9.50 -6.16
N GLU A 145 -5.72 9.90 -5.82
N GLU A 145 -5.72 9.86 -5.82
CA GLU A 145 -5.12 11.07 -6.49
CA GLU A 145 -5.04 11.00 -6.44
C GLU A 145 -4.90 10.81 -7.99
C GLU A 145 -4.87 10.80 -7.95
N PHE A 146 -4.52 9.59 -8.36
CA PHE A 146 -4.40 9.20 -9.76
C PHE A 146 -5.64 9.50 -10.57
N PHE A 147 -6.80 9.08 -10.05
CA PHE A 147 -8.06 9.37 -10.69
C PHE A 147 -8.43 10.84 -10.67
N ARG A 148 -8.19 11.50 -9.54
CA ARG A 148 -8.54 12.92 -9.36
C ARG A 148 -7.75 13.81 -10.33
N ARG A 149 -6.49 13.46 -10.57
N ARG A 149 -6.48 13.46 -10.56
CA ARG A 149 -5.63 14.28 -11.44
CA ARG A 149 -5.60 14.27 -11.39
C ARG A 149 -5.60 13.83 -12.89
C ARG A 149 -5.51 13.79 -12.85
N SER A 150 -6.11 12.64 -13.19
CA SER A 150 -6.01 12.10 -14.55
C SER A 150 -6.69 12.98 -15.60
N LYS A 151 -5.94 13.28 -16.65
CA LYS A 151 -6.47 13.96 -17.84
C LYS A 151 -6.88 12.93 -18.91
N ILE A 152 -6.67 11.64 -18.63
CA ILE A 152 -7.01 10.54 -19.57
C ILE A 152 -8.53 10.26 -19.52
N ALA A 153 -9.13 10.18 -20.71
CA ALA A 153 -10.57 10.20 -20.88
C ALA A 153 -11.33 9.20 -20.01
N VAL A 154 -11.00 7.91 -20.14
CA VAL A 154 -11.69 6.87 -19.37
CA VAL A 154 -11.66 6.85 -19.36
C VAL A 154 -11.54 7.09 -17.85
N PHE A 155 -10.35 7.47 -17.38
CA PHE A 155 -10.14 7.65 -15.94
C PHE A 155 -10.80 8.93 -15.39
N ASP A 156 -10.79 10.00 -16.20
CA ASP A 156 -11.53 11.22 -15.89
C ASP A 156 -13.03 10.92 -15.80
N LYS A 157 -13.54 10.08 -16.70
CA LYS A 157 -14.96 9.63 -16.63
C LYS A 157 -15.23 8.87 -15.32
N MET A 158 -14.29 7.99 -14.98
CA MET A 158 -14.42 7.22 -13.76
C MET A 158 -14.42 8.13 -12.54
N TRP A 159 -13.47 9.08 -12.50
CA TRP A 159 -13.34 10.04 -11.42
C TRP A 159 -14.57 10.92 -11.24
N THR A 160 -15.07 11.46 -12.33
CA THR A 160 -16.33 12.21 -12.30
C THR A 160 -17.48 11.41 -11.61
N TYR A 161 -17.61 10.13 -11.99
CA TYR A 161 -18.58 9.24 -11.37
C TYR A 161 -18.26 9.03 -9.88
N MET A 162 -17.01 8.65 -9.58
CA MET A 162 -16.70 8.26 -8.21
C MET A 162 -16.85 9.43 -7.23
N ARG A 163 -16.48 10.62 -7.65
CA ARG A 163 -16.43 11.75 -6.72
C ARG A 163 -17.82 12.12 -6.18
N SER A 164 -18.87 11.90 -6.99
CA SER A 164 -20.24 12.26 -6.52
C SER A 164 -21.21 11.07 -6.38
N ALA A 165 -20.69 9.85 -6.49
CA ALA A 165 -21.51 8.66 -6.30
C ALA A 165 -22.08 8.65 -4.90
N GLU A 166 -23.30 8.15 -4.77
CA GLU A 166 -23.94 7.97 -3.48
C GLU A 166 -24.59 6.58 -3.39
N PRO A 167 -24.35 5.86 -2.30
CA PRO A 167 -23.49 6.30 -1.21
C PRO A 167 -22.02 6.32 -1.63
N SER A 168 -21.16 6.80 -0.74
CA SER A 168 -19.76 6.98 -1.06
C SER A 168 -19.18 5.68 -1.55
N VAL A 169 -18.32 5.76 -2.58
CA VAL A 169 -17.58 4.59 -3.04
C VAL A 169 -16.16 4.44 -2.45
N PHE A 170 -15.75 5.42 -1.64
CA PHE A 170 -14.45 5.43 -1.00
C PHE A 170 -14.46 4.73 0.33
N VAL A 171 -13.31 4.11 0.63
CA VAL A 171 -13.12 3.37 1.85
C VAL A 171 -11.87 3.87 2.59
N ARG A 172 -11.86 3.66 3.91
N ARG A 172 -11.82 3.66 3.91
CA ARG A 172 -10.76 4.07 4.77
CA ARG A 172 -10.68 4.11 4.71
C ARG A 172 -9.56 3.12 4.78
C ARG A 172 -9.54 3.10 4.87
N THR A 173 -9.82 1.82 4.58
CA THR A 173 -8.80 0.78 4.61
C THR A 173 -9.06 -0.20 3.47
N THR A 174 -8.00 -0.86 3.05
CA THR A 174 -8.07 -1.89 2.03
C THR A 174 -9.01 -3.01 2.46
N ALA A 175 -8.94 -3.43 3.72
CA ALA A 175 -9.82 -4.49 4.24
C ALA A 175 -11.30 -4.13 4.06
N GLU A 176 -11.63 -2.85 4.23
CA GLU A 176 -12.97 -2.35 4.02
C GLU A 176 -13.41 -2.44 2.52
N GLY A 177 -12.53 -2.08 1.60
CA GLY A 177 -12.84 -2.23 0.19
C GLY A 177 -13.03 -3.69 -0.20
N VAL A 178 -12.15 -4.55 0.32
CA VAL A 178 -12.26 -6.02 0.06
C VAL A 178 -13.59 -6.56 0.61
N ALA A 179 -13.94 -6.20 1.84
CA ALA A 179 -15.22 -6.59 2.45
C ALA A 179 -16.40 -6.14 1.61
N ARG A 180 -16.32 -4.93 1.11
CA ARG A 180 -17.39 -4.44 0.26
C ARG A 180 -17.53 -5.24 -1.05
N VAL A 181 -16.40 -5.60 -1.68
CA VAL A 181 -16.44 -6.46 -2.85
C VAL A 181 -17.10 -7.79 -2.47
N ARG A 182 -16.65 -8.38 -1.38
CA ARG A 182 -17.09 -9.70 -1.00
C ARG A 182 -18.59 -9.74 -0.62
N LYS A 183 -19.09 -8.68 0.00
CA LYS A 183 -20.46 -8.61 0.50
C LYS A 183 -21.49 -7.95 -0.43
N SER A 184 -21.04 -7.37 -1.53
CA SER A 184 -21.95 -6.64 -2.40
C SER A 184 -22.48 -7.42 -3.59
N LYS A 185 -22.27 -8.74 -3.63
CA LYS A 185 -22.91 -9.61 -4.65
C LYS A 185 -22.60 -9.29 -6.11
N GLY A 186 -21.39 -8.81 -6.38
CA GLY A 186 -20.98 -8.43 -7.70
C GLY A 186 -21.22 -6.98 -8.06
N LYS A 187 -21.85 -6.21 -7.17
CA LYS A 187 -22.25 -4.81 -7.44
C LYS A 187 -21.28 -3.76 -6.93
N TYR A 188 -20.12 -4.18 -6.42
CA TYR A 188 -19.02 -3.26 -6.13
C TYR A 188 -17.70 -3.88 -6.65
N ALA A 189 -16.94 -3.05 -7.40
CA ALA A 189 -15.56 -3.36 -7.79
C ALA A 189 -14.64 -2.34 -7.10
N TYR A 190 -13.43 -2.81 -6.76
CA TYR A 190 -12.51 -2.04 -5.96
C TYR A 190 -11.22 -1.83 -6.76
N LEU A 191 -10.79 -0.57 -6.82
CA LEU A 191 -9.56 -0.20 -7.50
C LEU A 191 -8.43 -0.11 -6.47
N LEU A 192 -7.42 -0.95 -6.63
CA LEU A 192 -6.37 -1.04 -5.66
C LEU A 192 -5.10 -1.52 -6.34
N GLU A 193 -3.99 -1.42 -5.61
CA GLU A 193 -2.71 -1.80 -6.19
C GLU A 193 -2.62 -3.33 -6.46
N SER A 194 -1.95 -3.66 -7.57
CA SER A 194 -1.86 -5.04 -8.08
C SER A 194 -1.29 -6.00 -7.06
N THR A 195 -0.27 -5.53 -6.33
CA THR A 195 0.35 -6.28 -5.25
C THR A 195 -0.65 -6.73 -4.19
N MET A 196 -1.47 -5.81 -3.73
CA MET A 196 -2.49 -6.13 -2.71
C MET A 196 -3.56 -7.01 -3.33
N ASN A 197 -3.99 -6.63 -4.53
CA ASN A 197 -4.98 -7.43 -5.29
C ASN A 197 -4.55 -8.92 -5.40
N GLU A 198 -3.32 -9.14 -5.85
CA GLU A 198 -2.75 -10.46 -6.03
C GLU A 198 -2.62 -11.29 -4.76
N TYR A 199 -2.32 -10.62 -3.65
N TYR A 199 -2.32 -10.66 -3.61
CA TYR A 199 -2.27 -11.28 -2.37
CA TYR A 199 -2.27 -11.38 -2.33
C TYR A 199 -3.66 -11.76 -1.96
C TYR A 199 -3.68 -11.79 -1.92
N ILE A 200 -4.62 -10.86 -1.98
CA ILE A 200 -6.01 -11.16 -1.57
C ILE A 200 -6.64 -12.28 -2.45
N GLU A 201 -6.36 -12.27 -3.74
CA GLU A 201 -6.88 -13.31 -4.66
C GLU A 201 -6.54 -14.73 -4.22
N GLN A 202 -5.39 -14.88 -3.55
CA GLN A 202 -4.93 -16.17 -3.06
C GLN A 202 -5.25 -16.41 -1.58
N ARG A 203 -6.17 -15.63 -1.02
CA ARG A 203 -6.59 -15.88 0.37
C ARG A 203 -8.05 -16.34 0.45
N LYS A 204 -8.32 -17.24 1.39
CA LYS A 204 -9.72 -17.62 1.68
C LYS A 204 -10.55 -16.38 2.01
N PRO A 205 -11.84 -16.39 1.63
CA PRO A 205 -12.59 -17.45 0.92
C PRO A 205 -12.41 -17.53 -0.61
N CYS A 206 -11.31 -17.01 -1.18
CA CYS A 206 -11.00 -17.29 -2.59
C CYS A 206 -12.11 -16.86 -3.54
N ASP A 207 -12.70 -15.70 -3.29
CA ASP A 207 -13.90 -15.22 -3.99
C ASP A 207 -13.72 -13.92 -4.78
N THR A 208 -12.48 -13.48 -4.96
CA THR A 208 -12.16 -12.28 -5.70
C THR A 208 -11.25 -12.62 -6.87
N MET A 209 -11.18 -11.72 -7.85
CA MET A 209 -10.31 -11.88 -9.01
C MET A 209 -9.79 -10.52 -9.46
N LYS A 210 -8.50 -10.47 -9.80
N LYS A 210 -8.49 -10.45 -9.77
CA LYS A 210 -7.94 -9.35 -10.53
CA LYS A 210 -7.93 -9.32 -10.54
C LYS A 210 -8.26 -9.45 -12.04
C LYS A 210 -8.29 -9.45 -12.03
N VAL A 211 -8.81 -8.39 -12.60
CA VAL A 211 -9.15 -8.40 -14.01
C VAL A 211 -8.55 -7.21 -14.74
N GLY A 212 -8.16 -7.45 -15.98
CA GLY A 212 -7.67 -6.42 -16.87
C GLY A 212 -6.19 -6.16 -16.62
N GLY A 213 -5.58 -5.35 -17.48
CA GLY A 213 -4.20 -4.92 -17.29
C GLY A 213 -4.10 -3.79 -16.29
N ASN A 214 -2.91 -3.59 -15.74
CA ASN A 214 -2.70 -2.51 -14.77
C ASN A 214 -2.94 -1.17 -15.47
N LEU A 215 -3.44 -0.18 -14.73
CA LEU A 215 -3.74 1.15 -15.28
C LEU A 215 -2.50 2.07 -15.38
N ASP A 216 -1.50 1.75 -14.56
CA ASP A 216 -0.26 2.48 -14.55
C ASP A 216 0.86 1.59 -14.10
N SER A 217 2.07 2.15 -14.10
CA SER A 217 3.26 1.44 -13.70
C SER A 217 4.10 2.31 -12.78
N LYS A 218 4.37 1.81 -11.57
CA LYS A 218 5.09 2.59 -10.59
C LYS A 218 5.64 1.63 -9.55
N GLY A 219 6.02 2.14 -8.38
CA GLY A 219 6.64 1.29 -7.39
C GLY A 219 6.57 1.90 -5.99
N TYR A 220 6.85 1.05 -5.00
CA TYR A 220 7.03 1.47 -3.60
C TYR A 220 8.49 1.76 -3.31
N GLY A 221 8.74 2.80 -2.52
CA GLY A 221 10.07 3.15 -2.04
C GLY A 221 10.12 3.34 -0.52
N ILE A 222 11.30 3.15 0.06
CA ILE A 222 11.53 3.46 1.49
C ILE A 222 11.69 4.98 1.54
N ALA A 223 10.95 5.66 2.42
CA ALA A 223 10.93 7.14 2.45
C ALA A 223 11.60 7.65 3.73
N THR A 224 12.35 8.75 3.59
CA THR A 224 13.08 9.36 4.70
C THR A 224 12.78 10.87 4.61
N PRO A 225 12.89 11.58 5.74
CA PRO A 225 12.76 13.02 5.66
C PRO A 225 13.83 13.56 4.70
N LYS A 226 13.51 14.66 4.05
CA LYS A 226 14.41 15.26 3.08
C LYS A 226 15.74 15.62 3.74
N GLY A 227 16.85 15.11 3.19
CA GLY A 227 18.19 15.40 3.74
C GLY A 227 18.68 14.49 4.84
N SER A 228 17.85 13.52 5.24
CA SER A 228 18.25 12.55 6.26
C SER A 228 19.55 11.83 5.92
N SER A 229 20.36 11.55 6.93
CA SER A 229 21.58 10.76 6.74
C SER A 229 21.30 9.29 6.36
N LEU A 230 20.08 8.84 6.60
CA LEU A 230 19.68 7.46 6.25
C LEU A 230 19.42 7.26 4.75
N GLY A 231 19.13 8.32 4.00
CA GLY A 231 18.72 8.20 2.61
C GLY A 231 19.66 7.38 1.73
N THR A 232 20.92 7.78 1.72
CA THR A 232 21.91 7.10 0.88
C THR A 232 22.17 5.64 1.24
N PRO A 233 22.48 5.38 2.53
CA PRO A 233 22.67 3.99 2.95
C PRO A 233 21.43 3.12 2.72
N VAL A 234 20.24 3.70 2.91
CA VAL A 234 18.99 2.92 2.69
C VAL A 234 18.82 2.56 1.21
N ASN A 235 19.16 3.51 0.33
CA ASN A 235 19.05 3.28 -1.09
C ASN A 235 20.01 2.19 -1.59
N LEU A 236 21.26 2.25 -1.15
CA LEU A 236 22.22 1.21 -1.48
C LEU A 236 21.81 -0.16 -0.94
N ALA A 237 21.20 -0.17 0.25
CA ALA A 237 20.70 -1.42 0.85
C ALA A 237 19.60 -2.02 -0.01
N VAL A 238 18.67 -1.22 -0.51
CA VAL A 238 17.62 -1.72 -1.42
C VAL A 238 18.23 -2.32 -2.68
N LEU A 239 19.20 -1.64 -3.28
CA LEU A 239 19.81 -2.15 -4.51
C LEU A 239 20.59 -3.46 -4.29
N LYS A 240 21.33 -3.51 -3.18
CA LYS A 240 22.04 -4.71 -2.73
C LYS A 240 21.08 -5.89 -2.51
N LEU A 241 19.99 -5.63 -1.78
CA LEU A 241 18.97 -6.66 -1.50
C LEU A 241 18.29 -7.16 -2.77
N SER A 242 17.99 -6.24 -3.68
CA SER A 242 17.46 -6.56 -4.99
C SER A 242 18.40 -7.50 -5.76
N GLU A 243 19.65 -7.07 -5.91
CA GLU A 243 20.66 -7.82 -6.68
C GLU A 243 21.00 -9.17 -6.05
N GLN A 244 20.96 -9.26 -4.72
CA GLN A 244 21.15 -10.54 -4.01
C GLN A 244 19.95 -11.53 -4.09
N GLY A 245 18.86 -11.11 -4.70
CA GLY A 245 17.63 -11.92 -4.77
C GLY A 245 16.78 -11.93 -3.50
N VAL A 246 17.17 -11.15 -2.48
CA VAL A 246 16.47 -11.16 -1.19
C VAL A 246 15.04 -10.65 -1.33
N LEU A 247 14.83 -9.61 -2.15
CA LEU A 247 13.49 -9.06 -2.35
C LEU A 247 12.60 -10.10 -3.04
N ASP A 248 13.16 -10.84 -4.00
CA ASP A 248 12.41 -11.88 -4.68
C ASP A 248 12.02 -13.00 -3.70
N LYS A 249 12.96 -13.39 -2.83
CA LYS A 249 12.70 -14.42 -1.82
C LYS A 249 11.59 -14.01 -0.81
N LEU A 250 11.64 -12.77 -0.35
CA LEU A 250 10.56 -12.20 0.46
C LEU A 250 9.21 -12.11 -0.24
N LYS A 251 9.20 -11.79 -1.53
CA LYS A 251 7.95 -11.78 -2.28
C LYS A 251 7.34 -13.21 -2.30
N ASN A 252 8.17 -14.21 -2.57
CA ASN A 252 7.72 -15.60 -2.55
C ASN A 252 7.23 -16.03 -1.16
N LYS A 253 7.97 -15.66 -0.12
CA LYS A 253 7.57 -15.94 1.23
C LYS A 253 6.16 -15.43 1.59
N TRP A 254 5.84 -14.20 1.17
CA TRP A 254 4.65 -13.54 1.68
C TRP A 254 3.47 -13.55 0.73
N TRP A 255 3.71 -13.89 -0.54
CA TRP A 255 2.64 -14.09 -1.53
C TRP A 255 2.52 -15.60 -1.81
N TYR A 256 3.31 -16.15 -2.73
CA TYR A 256 3.15 -17.56 -3.15
C TYR A 256 3.01 -18.54 -2.01
N ASP A 257 3.93 -18.48 -1.04
CA ASP A 257 3.92 -19.43 0.07
C ASP A 257 2.71 -19.27 0.99
N LYS A 258 2.11 -18.09 1.00
CA LYS A 258 0.92 -17.82 1.81
C LYS A 258 -0.38 -18.21 1.07
N GLY A 259 -0.25 -18.68 -0.17
CA GLY A 259 -1.40 -18.97 -1.03
C GLY A 259 -2.28 -20.06 -0.44
N GLU A 260 -3.58 -19.79 -0.37
CA GLU A 260 -4.57 -20.68 0.23
C GLU A 260 -5.63 -21.12 -0.76
N CYS A 261 -5.51 -20.70 -2.02
CA CYS A 261 -6.52 -20.94 -3.02
C CYS A 261 -6.05 -21.95 -4.07
N GLY A 262 -5.12 -22.81 -3.67
CA GLY A 262 -4.56 -23.82 -4.55
C GLY A 262 -3.43 -23.27 -5.41
N ALA A 263 -3.22 -23.89 -6.55
CA ALA A 263 -2.04 -23.61 -7.38
C ALA A 263 -2.06 -22.25 -8.11
N GLU B . 0.35 2.53 -1.80
CA GLU B . -0.70 3.60 -1.79
C GLU B . -0.14 4.93 -1.27
O GLU B . -0.88 5.92 -1.12
CB GLU B . -1.91 3.19 -0.92
CG GLU B . -2.84 2.20 -1.58
CD GLU B . -3.72 2.83 -2.66
OE1 GLU B . -4.35 2.06 -3.42
OE2 GLU B . -3.78 4.10 -2.76
OXT GLU B . 1.04 4.98 -0.99
C1 O26 C . 8.00 3.08 -12.23
C2 O26 C . 8.39 3.56 -10.91
C3 O26 C . 8.44 4.96 -10.41
C4 O26 C . 9.32 5.03 -9.13
C5 O26 C . 8.98 5.95 -11.48
C6 O26 C . 7.12 5.43 -10.04
N7 O26 C . 8.66 2.47 -10.13
N8 O26 C . 8.48 1.37 -10.91
C9 O26 C . 8.73 0.02 -10.38
C10 O26 C . 10.13 -0.35 -10.86
O11 O26 C . 10.57 0.32 -11.74
N12 O26 C . 10.85 -1.41 -10.33
C13 O26 C . 12.17 -1.49 -9.90
S14 O26 C . 13.35 -0.51 -10.70
C15 O26 C . 14.59 -1.10 -9.70
C16 O26 C . 16.02 -0.62 -9.83
C17 O26 C . 16.99 -1.61 -9.19
C18 O26 C . 16.54 -2.06 -7.80
C19 O26 C . 15.13 -2.70 -7.82
C20 O26 C . 14.16 -2.05 -8.79
C21 O26 C . 12.72 -2.28 -8.92
C22 O26 C . 11.88 -3.18 -8.15
O23 O26 C . 10.65 -3.04 -8.09
N24 O26 C . 12.50 -4.20 -7.48
C25 O26 C . 8.08 1.71 -12.16
C26 O26 C . 7.57 3.85 -13.44
N27 O26 C . 8.66 4.14 -14.35
C28 O26 C . 8.27 5.22 -15.24
S SO4 D . 12.01 -5.22 20.14
O1 SO4 D . 11.71 -5.11 21.57
O2 SO4 D . 11.48 -6.51 19.69
O3 SO4 D . 11.42 -4.10 19.45
O4 SO4 D . 13.46 -5.21 19.98
S SO4 E . -8.24 12.24 -0.23
O1 SO4 E . -8.65 11.05 0.54
O2 SO4 E . -7.29 11.94 -1.33
O3 SO4 E . -9.46 12.85 -0.77
O4 SO4 E . -7.54 13.14 0.67
S SO4 F . -0.17 -4.69 21.41
O1 SO4 F . -1.46 -4.40 22.02
O2 SO4 F . -0.01 -6.11 21.17
O3 SO4 F . -0.07 -3.94 20.16
O4 SO4 F . 0.90 -4.25 22.31
S SO4 G . 1.28 -3.33 23.11
O1 SO4 G . 0.82 -3.05 21.76
O2 SO4 G . 1.18 -2.14 23.94
O3 SO4 G . 0.44 -4.41 23.63
O4 SO4 G . 2.67 -3.79 23.10
S SO4 H . 9.78 -5.98 -8.22
O1 SO4 H . 8.44 -6.15 -7.64
O2 SO4 H . 10.04 -7.17 -9.00
O3 SO4 H . 9.78 -4.82 -9.10
O4 SO4 H . 10.78 -5.92 -7.17
#